data_5C9C
#
_entry.id   5C9C
#
_cell.length_a   93.880
_cell.length_b   93.880
_cell.length_c   165.550
_cell.angle_alpha   90.00
_cell.angle_beta   90.00
_cell.angle_gamma   90.00
#
_symmetry.space_group_name_H-M   'P 41 21 2'
#
loop_
_entity.id
_entity.type
_entity.pdbx_description
1 polymer 'Serine/threonine-protein kinase B-raf'
2 non-polymer 1-(3,3-dimethylbutyl)-3-{2-fluoro-4-methyl-5-[7-methyl-2-(methylamino)pyrido[2,3-d]pyrimidin-6-yl]phenyl}urea
3 non-polymer 'CHLORIDE ION'
4 water water
#
_entity_poly.entity_id   1
_entity_poly.type   'polypeptide(L)'
_entity_poly.pdbx_seq_one_letter_code
;MDRGSHHHHHHGSEDRNRMKTLGRRDSSDDWEIPDGQITVGQRIGSGSFGTVYKGKWHGDVAVKMLNVTAPTPQQLQAFK
NEVGVLRKTRHVNILLFMGYSTKPQLAIVTQWCEGSSLYHHLHIIETKFEMIKLIDIARQTAQGMDYLHAKSIIHRDLKS
NNIFLHEDLTVKIGDFGLATEKSRWSGSHQFEQLSGSILWMAPEVIRMQDKNPYSFQSDVYAFGIVLYELMTGQLPYSNI
NNRDQIIFMVGRGYLSPDLSKVRSNCPKAMKRLMAECLKKKRDERPLFPQILASIELLARSLPKIHR
;
_entity_poly.pdbx_strand_id   A,B
#
loop_
_chem_comp.id
_chem_comp.type
_chem_comp.name
_chem_comp.formula
4Z5 non-polymer 1-(3,3-dimethylbutyl)-3-{2-fluoro-4-methyl-5-[7-methyl-2-(methylamino)pyrido[2,3-d]pyrimidin-6-yl]phenyl}urea 'C23 H29 F N6 O'
CL non-polymer 'CHLORIDE ION' 'Cl -1'
#
# COMPACT_ATOMS: atom_id res chain seq x y z
N ASP A 30 18.24 -1.90 6.39
CA ASP A 30 18.18 -3.10 5.48
C ASP A 30 16.82 -3.81 5.39
N TRP A 31 16.68 -4.52 4.28
CA TRP A 31 15.44 -5.14 3.95
C TRP A 31 15.60 -6.60 4.04
N GLU A 32 16.79 -7.05 4.46
CA GLU A 32 16.98 -8.47 4.73
C GLU A 32 16.07 -8.88 5.88
N ILE A 33 15.28 -9.91 5.68
CA ILE A 33 14.44 -10.31 6.77
C ILE A 33 15.26 -11.26 7.62
N PRO A 34 15.38 -10.93 8.92
CA PRO A 34 16.18 -11.74 9.81
C PRO A 34 15.69 -13.17 9.76
N ASP A 35 16.60 -14.09 10.02
CA ASP A 35 16.34 -15.48 9.63
C ASP A 35 15.36 -16.20 10.60
N GLY A 36 14.44 -17.01 10.03
CA GLY A 36 13.41 -17.77 10.78
C GLY A 36 12.17 -17.02 11.28
N GLN A 37 12.00 -15.77 10.84
CA GLN A 37 10.86 -14.96 11.24
C GLN A 37 9.62 -15.18 10.38
N ILE A 38 9.80 -15.83 9.24
CA ILE A 38 8.70 -16.00 8.31
C ILE A 38 8.03 -17.36 8.49
N THR A 39 6.74 -17.36 8.69
CA THR A 39 6.03 -18.60 8.73
C THR A 39 5.44 -18.89 7.37
N VAL A 40 6.15 -19.67 6.56
CA VAL A 40 5.64 -20.08 5.26
C VAL A 40 4.41 -21.00 5.44
N GLY A 41 3.27 -20.57 4.87
CA GLY A 41 2.02 -21.32 4.85
C GLY A 41 1.68 -21.96 3.50
N GLN A 42 0.45 -21.78 3.02
CA GLN A 42 0.00 -22.45 1.79
C GLN A 42 0.79 -22.00 0.57
N ARG A 43 1.24 -22.99 -0.19
CA ARG A 43 1.83 -22.80 -1.51
C ARG A 43 0.75 -22.36 -2.51
N ILE A 44 1.02 -21.27 -3.23
CA ILE A 44 0.03 -20.65 -4.10
C ILE A 44 0.24 -21.06 -5.55
N GLY A 45 1.50 -21.06 -5.99
CA GLY A 45 1.81 -21.51 -7.31
C GLY A 45 3.26 -21.90 -7.44
N SER A 46 3.57 -22.62 -8.52
CA SER A 46 4.95 -22.85 -8.85
C SER A 46 5.14 -22.90 -10.35
N GLY A 47 6.35 -22.59 -10.75
CA GLY A 47 6.75 -22.59 -12.16
C GLY A 47 8.24 -22.91 -12.18
N SER A 48 8.87 -22.68 -13.32
CA SER A 48 10.28 -23.04 -13.47
C SER A 48 11.18 -22.04 -12.74
N PHE A 49 10.69 -20.80 -12.59
CA PHE A 49 11.49 -19.74 -11.96
C PHE A 49 10.94 -19.30 -10.59
N GLY A 50 10.37 -20.26 -9.87
CA GLY A 50 10.04 -20.06 -8.47
C GLY A 50 8.76 -20.65 -7.97
N THR A 51 8.61 -20.60 -6.66
CA THR A 51 7.43 -21.07 -6.02
C THR A 51 6.97 -19.95 -5.13
N VAL A 52 5.67 -19.73 -5.10
CA VAL A 52 5.08 -18.67 -4.31
C VAL A 52 4.20 -19.24 -3.20
N TYR A 53 4.42 -18.70 -1.99
CA TYR A 53 3.66 -19.07 -0.81
C TYR A 53 2.99 -17.85 -0.20
N LYS A 54 1.91 -18.11 0.54
CA LYS A 54 1.36 -17.15 1.46
C LYS A 54 2.11 -17.33 2.78
N GLY A 55 2.51 -16.24 3.40
CA GLY A 55 3.25 -16.32 4.65
C GLY A 55 2.73 -15.39 5.75
N LYS A 56 3.32 -15.55 6.94
CA LYS A 56 3.03 -14.72 8.07
C LYS A 56 4.31 -14.02 8.52
N TRP A 57 4.30 -12.68 8.45
CA TRP A 57 5.42 -11.86 8.85
C TRP A 57 4.83 -10.50 9.12
N HIS A 58 4.48 -10.27 10.37
CA HIS A 58 3.78 -9.05 10.77
C HIS A 58 2.44 -8.93 10.07
N GLY A 59 1.79 -10.07 9.86
CA GLY A 59 0.60 -10.14 9.05
C GLY A 59 0.88 -11.03 7.86
N ASP A 60 -0.10 -11.13 6.96
CA ASP A 60 0.02 -11.87 5.68
C ASP A 60 1.07 -11.25 4.79
N VAL A 61 1.86 -12.10 4.13
CA VAL A 61 2.81 -11.67 3.08
C VAL A 61 2.76 -12.68 1.94
N ALA A 62 3.27 -12.28 0.79
CA ALA A 62 3.50 -13.24 -0.28
C ALA A 62 4.99 -13.50 -0.26
N VAL A 63 5.38 -14.77 -0.41
CA VAL A 63 6.81 -15.15 -0.52
C VAL A 63 7.11 -15.93 -1.80
N LYS A 64 8.11 -15.47 -2.53
CA LYS A 64 8.53 -16.10 -3.74
C LYS A 64 9.93 -16.58 -3.49
N MET A 65 10.09 -17.89 -3.64
CA MET A 65 11.34 -18.54 -3.35
C MET A 65 11.83 -19.11 -4.61
N LEU A 66 13.07 -18.78 -4.95
CA LEU A 66 13.59 -19.02 -6.28
C LEU A 66 14.59 -20.19 -6.30
N ASN A 67 14.41 -21.18 -5.42
CA ASN A 67 15.15 -22.46 -5.50
C ASN A 67 14.87 -23.45 -4.37
N ALA A 70 20.66 -25.59 -4.25
CA ALA A 70 21.62 -24.48 -4.18
C ALA A 70 21.58 -23.59 -5.44
N PRO A 71 21.74 -22.25 -5.28
CA PRO A 71 21.47 -21.28 -6.35
C PRO A 71 22.63 -21.07 -7.29
N THR A 72 22.33 -21.05 -8.57
CA THR A 72 23.36 -20.92 -9.61
C THR A 72 23.67 -19.45 -9.82
N PRO A 73 24.72 -19.12 -10.58
CA PRO A 73 24.99 -17.69 -10.67
C PRO A 73 24.00 -16.91 -11.57
N GLN A 74 23.34 -17.60 -12.51
CA GLN A 74 22.25 -17.01 -13.30
C GLN A 74 21.09 -16.64 -12.36
N GLN A 75 20.82 -17.53 -11.41
CA GLN A 75 19.75 -17.36 -10.45
C GLN A 75 20.12 -16.34 -9.37
N LEU A 76 21.38 -16.32 -8.97
CA LEU A 76 21.80 -15.34 -7.99
C LEU A 76 21.65 -13.95 -8.55
N GLN A 77 21.93 -13.82 -9.86
CA GLN A 77 21.90 -12.51 -10.52
C GLN A 77 20.49 -11.99 -10.75
N ALA A 78 19.57 -12.91 -11.06
CA ALA A 78 18.18 -12.53 -11.30
C ALA A 78 17.53 -12.12 -10.00
N PHE A 79 18.05 -12.65 -8.90
CA PHE A 79 17.53 -12.33 -7.58
C PHE A 79 17.92 -10.89 -7.22
N LYS A 80 19.19 -10.53 -7.42
CA LYS A 80 19.66 -9.19 -7.07
C LYS A 80 19.01 -8.10 -7.92
N ASN A 81 18.68 -8.47 -9.16
CA ASN A 81 18.00 -7.62 -10.12
C ASN A 81 16.56 -7.31 -9.69
N GLU A 82 15.79 -8.36 -9.39
CA GLU A 82 14.42 -8.15 -8.98
C GLU A 82 14.37 -7.37 -7.65
N VAL A 83 15.23 -7.73 -6.71
CA VAL A 83 15.28 -6.98 -5.47
C VAL A 83 15.70 -5.54 -5.76
N GLY A 84 16.70 -5.36 -6.60
CA GLY A 84 17.15 -4.03 -6.93
C GLY A 84 16.01 -3.19 -7.48
N VAL A 85 15.19 -3.78 -8.35
CA VAL A 85 14.12 -3.02 -8.98
C VAL A 85 12.99 -2.74 -8.00
N LEU A 86 12.57 -3.77 -7.26
CA LEU A 86 11.48 -3.61 -6.29
C LEU A 86 11.73 -2.51 -5.24
N ARG A 87 12.93 -2.47 -4.73
CA ARG A 87 13.28 -1.56 -3.67
C ARG A 87 13.40 -0.12 -4.07
N LYS A 88 13.32 0.13 -5.36
CA LYS A 88 13.25 1.47 -5.91
C LYS A 88 11.83 1.99 -5.96
N THR A 89 10.85 1.15 -5.60
CA THR A 89 9.44 1.52 -5.74
C THR A 89 8.68 1.71 -4.41
N ARG A 90 7.98 2.83 -4.31
CA ARG A 90 7.08 3.11 -3.20
C ARG A 90 5.93 3.91 -3.80
N HIS A 91 4.88 3.19 -4.19
CA HIS A 91 3.75 3.83 -4.79
C HIS A 91 2.56 2.88 -4.61
N VAL A 92 1.33 3.41 -4.44
CA VAL A 92 0.19 2.52 -4.09
C VAL A 92 -0.21 1.59 -5.22
N ASN A 93 0.08 1.93 -6.44
CA ASN A 93 -0.33 1.13 -7.53
C ASN A 93 0.72 0.16 -7.98
N ILE A 94 1.79 0.07 -7.24
CA ILE A 94 2.83 -0.89 -7.46
C ILE A 94 2.88 -1.78 -6.28
N LEU A 95 3.05 -3.06 -6.51
CA LEU A 95 3.06 -4.06 -5.48
C LEU A 95 4.13 -3.81 -4.44
N LEU A 96 3.82 -3.94 -3.16
CA LEU A 96 4.76 -3.57 -2.13
C LEU A 96 5.71 -4.59 -1.66
N PHE A 97 6.96 -4.34 -1.95
CA PHE A 97 8.09 -5.08 -1.55
C PHE A 97 8.32 -4.88 -0.07
N MET A 98 8.63 -5.92 0.65
CA MET A 98 8.79 -5.79 2.05
C MET A 98 10.16 -6.23 2.49
N GLY A 99 10.75 -7.14 1.77
CA GLY A 99 12.05 -7.61 2.08
C GLY A 99 12.50 -8.84 1.34
N TYR A 100 13.64 -9.36 1.70
CA TYR A 100 14.16 -10.52 1.05
C TYR A 100 14.93 -11.38 1.98
N SER A 101 14.94 -12.65 1.73
CA SER A 101 15.72 -13.55 2.51
C SER A 101 16.79 -14.19 1.67
N THR A 102 17.94 -14.40 2.22
CA THR A 102 18.99 -15.05 1.48
C THR A 102 19.26 -16.53 1.77
N LYS A 103 18.88 -17.02 2.93
CA LYS A 103 19.12 -18.39 3.32
C LYS A 103 17.95 -18.93 4.09
N PRO A 104 17.61 -20.18 3.96
CA PRO A 104 18.18 -21.18 3.09
C PRO A 104 18.02 -20.94 1.62
N GLN A 105 16.94 -20.34 1.21
CA GLN A 105 16.63 -20.11 -0.15
C GLN A 105 16.61 -18.66 -0.36
N LEU A 106 16.76 -18.26 -1.62
CA LEU A 106 16.58 -16.91 -2.04
C LEU A 106 15.11 -16.67 -2.12
N ALA A 107 14.63 -15.63 -1.47
CA ALA A 107 13.22 -15.32 -1.44
C ALA A 107 12.90 -13.84 -1.46
N ILE A 108 11.83 -13.49 -2.13
CA ILE A 108 11.37 -12.15 -2.15
C ILE A 108 10.03 -12.15 -1.51
N VAL A 109 9.83 -11.20 -0.63
CA VAL A 109 8.66 -11.01 0.20
C VAL A 109 7.98 -9.70 -0.14
N THR A 110 6.71 -9.72 -0.39
CA THR A 110 5.97 -8.53 -0.75
C THR A 110 4.73 -8.62 0.07
N GLN A 111 3.85 -7.61 -0.06
CA GLN A 111 2.52 -7.66 0.54
C GLN A 111 1.73 -8.84 -0.02
N TRP A 112 0.74 -9.29 0.73
CA TRP A 112 -0.18 -10.27 0.23
C TRP A 112 -1.33 -9.56 -0.47
N CYS A 113 -1.71 -10.05 -1.63
CA CYS A 113 -2.84 -9.44 -2.33
C CYS A 113 -4.07 -10.30 -2.17
N GLU A 114 -5.21 -9.64 -1.96
CA GLU A 114 -6.49 -10.34 -1.77
C GLU A 114 -7.42 -10.07 -2.93
N GLY A 115 -7.85 -11.14 -3.60
CA GLY A 115 -8.79 -11.03 -4.71
C GLY A 115 -8.21 -11.68 -5.94
N SER A 116 -8.37 -11.03 -7.11
CA SER A 116 -7.90 -11.62 -8.35
C SER A 116 -7.29 -10.61 -9.29
N SER A 117 -6.53 -11.10 -10.25
CA SER A 117 -6.00 -10.27 -11.32
C SER A 117 -7.14 -9.78 -12.20
N LEU A 118 -6.88 -8.68 -12.89
CA LEU A 118 -7.81 -8.19 -13.93
C LEU A 118 -8.10 -9.24 -14.99
N TYR A 119 -7.10 -10.04 -15.34
CA TYR A 119 -7.29 -11.17 -16.26
C TYR A 119 -8.38 -12.12 -15.77
N HIS A 120 -8.31 -12.45 -14.47
CA HIS A 120 -9.31 -13.34 -13.90
C HIS A 120 -10.71 -12.71 -13.99
N HIS A 121 -10.87 -11.47 -13.53
CA HIS A 121 -12.14 -10.79 -13.59
C HIS A 121 -12.72 -10.73 -15.01
N LEU A 122 -11.91 -10.42 -16.00
CA LEU A 122 -12.44 -10.18 -17.33
C LEU A 122 -12.69 -11.46 -18.16
N HIS A 123 -11.86 -12.47 -18.00
CA HIS A 123 -11.81 -13.58 -18.98
C HIS A 123 -12.02 -14.93 -18.38
N ILE A 124 -12.07 -14.99 -17.04
CA ILE A 124 -12.31 -16.24 -16.36
C ILE A 124 -13.68 -16.19 -15.66
N ILE A 125 -13.88 -15.25 -14.73
CA ILE A 125 -15.19 -15.14 -14.05
C ILE A 125 -16.05 -14.07 -14.68
N GLU A 126 -15.52 -13.48 -15.74
CA GLU A 126 -16.22 -12.52 -16.57
C GLU A 126 -17.11 -11.57 -15.76
N THR A 127 -16.49 -10.86 -14.84
CA THR A 127 -17.11 -9.77 -14.09
C THR A 127 -17.50 -8.65 -15.04
N LYS A 128 -18.69 -8.10 -14.85
CA LYS A 128 -19.10 -7.00 -15.71
C LYS A 128 -19.04 -5.69 -14.90
N PHE A 129 -18.05 -4.86 -15.21
CA PHE A 129 -17.78 -3.64 -14.45
C PHE A 129 -18.51 -2.48 -15.05
N GLU A 130 -18.97 -1.57 -14.19
CA GLU A 130 -19.47 -0.27 -14.64
C GLU A 130 -18.37 0.55 -15.35
N MET A 131 -18.73 1.19 -16.47
CA MET A 131 -17.79 1.95 -17.26
C MET A 131 -16.86 2.84 -16.40
N ILE A 132 -17.39 3.36 -15.30
CA ILE A 132 -16.64 4.29 -14.47
C ILE A 132 -15.58 3.53 -13.69
N LYS A 133 -15.83 2.25 -13.44
CA LYS A 133 -14.88 1.38 -12.78
C LYS A 133 -13.82 0.92 -13.77
N LEU A 134 -14.21 0.55 -14.98
CA LEU A 134 -13.23 0.26 -16.00
C LEU A 134 -12.28 1.45 -16.21
N ILE A 135 -12.84 2.65 -16.23
CA ILE A 135 -12.02 3.81 -16.46
C ILE A 135 -11.10 4.01 -15.28
N ASP A 136 -11.61 3.80 -14.06
CA ASP A 136 -10.80 3.85 -12.84
C ASP A 136 -9.65 2.83 -12.81
N ILE A 137 -9.91 1.62 -13.30
CA ILE A 137 -8.87 0.61 -13.37
C ILE A 137 -7.77 1.15 -14.29
N ALA A 138 -8.20 1.66 -15.45
CA ALA A 138 -7.33 2.29 -16.41
C ALA A 138 -6.47 3.39 -15.78
N ARG A 139 -7.13 4.30 -15.05
CA ARG A 139 -6.45 5.39 -14.35
C ARG A 139 -5.36 4.86 -13.41
N GLN A 140 -5.71 3.91 -12.55
CA GLN A 140 -4.74 3.44 -11.56
C GLN A 140 -3.57 2.70 -12.21
N THR A 141 -3.85 1.93 -13.26
CA THR A 141 -2.74 1.28 -13.97
C THR A 141 -1.81 2.33 -14.58
N ALA A 142 -2.40 3.34 -15.23
CA ALA A 142 -1.59 4.44 -15.81
C ALA A 142 -0.76 5.14 -14.72
N GLN A 143 -1.36 5.39 -13.56
CA GLN A 143 -0.64 5.90 -12.37
C GLN A 143 0.61 5.07 -12.06
N GLY A 144 0.45 3.77 -11.84
CA GLY A 144 1.60 2.91 -11.60
C GLY A 144 2.67 2.91 -12.68
N MET A 145 2.23 2.91 -13.95
CA MET A 145 3.15 2.84 -15.09
C MET A 145 3.89 4.17 -15.22
N ASP A 146 3.13 5.25 -15.18
CA ASP A 146 3.75 6.57 -15.11
C ASP A 146 4.89 6.56 -14.07
N TYR A 147 4.59 5.99 -12.89
CA TYR A 147 5.54 5.91 -11.78
C TYR A 147 6.81 5.08 -12.13
N LEU A 148 6.62 3.83 -12.59
CA LEU A 148 7.74 2.99 -12.95
C LEU A 148 8.63 3.70 -13.96
N HIS A 149 8.00 4.38 -14.89
CA HIS A 149 8.74 5.02 -15.95
C HIS A 149 9.49 6.24 -15.48
N ALA A 150 8.88 7.00 -14.55
CA ALA A 150 9.57 8.12 -13.89
C ALA A 150 10.88 7.65 -13.25
N LYS A 151 10.91 6.36 -12.87
CA LYS A 151 12.12 5.79 -12.25
C LYS A 151 12.99 5.00 -13.22
N SER A 152 12.66 5.05 -14.50
CA SER A 152 13.44 4.33 -15.53
C SER A 152 13.32 2.82 -15.37
N ILE A 153 12.10 2.38 -15.05
CA ILE A 153 11.77 0.96 -14.95
C ILE A 153 10.84 0.65 -16.11
N ILE A 154 11.24 -0.29 -16.95
CA ILE A 154 10.43 -0.80 -18.01
C ILE A 154 9.88 -2.08 -17.45
N HIS A 155 8.58 -2.25 -17.45
CA HIS A 155 8.00 -3.48 -16.95
C HIS A 155 8.30 -4.76 -17.75
N ARG A 156 8.14 -4.69 -19.04
CA ARG A 156 8.50 -5.70 -19.98
C ARG A 156 7.50 -6.84 -20.11
N ASP A 157 6.50 -6.89 -19.26
CA ASP A 157 5.47 -7.91 -19.27
C ASP A 157 4.17 -7.46 -18.64
N LEU A 158 3.68 -6.31 -19.03
CA LEU A 158 2.45 -5.86 -18.54
C LEU A 158 1.30 -6.50 -19.28
N LYS A 159 0.41 -7.12 -18.57
CA LYS A 159 -0.70 -7.80 -19.11
C LYS A 159 -1.62 -7.72 -17.98
N SER A 160 -2.88 -7.99 -18.21
CA SER A 160 -3.89 -7.90 -17.22
C SER A 160 -3.68 -8.89 -16.12
N ASN A 161 -2.96 -9.93 -16.42
CA ASN A 161 -2.62 -10.94 -15.44
C ASN A 161 -1.66 -10.41 -14.38
N ASN A 162 -1.01 -9.30 -14.68
CA ASN A 162 -0.04 -8.71 -13.78
C ASN A 162 -0.57 -7.41 -13.24
N ILE A 163 -1.89 -7.24 -13.42
CA ILE A 163 -2.65 -6.18 -12.80
C ILE A 163 -3.60 -6.76 -11.73
N PHE A 164 -3.29 -6.60 -10.47
CA PHE A 164 -4.11 -7.12 -9.43
C PHE A 164 -5.11 -6.14 -8.95
N LEU A 165 -6.31 -6.63 -8.74
CA LEU A 165 -7.35 -5.85 -8.14
C LEU A 165 -7.47 -6.30 -6.73
N HIS A 166 -6.86 -5.55 -5.86
CA HIS A 166 -6.71 -5.85 -4.47
C HIS A 166 -7.87 -5.31 -3.71
N GLU A 167 -8.61 -6.18 -3.07
CA GLU A 167 -9.75 -5.83 -2.27
C GLU A 167 -10.80 -5.46 -3.24
N ASP A 168 -10.54 -5.78 -4.48
CA ASP A 168 -11.46 -5.54 -5.55
C ASP A 168 -11.48 -4.09 -5.92
N LEU A 169 -10.56 -3.34 -5.40
CA LEU A 169 -10.59 -1.95 -5.69
C LEU A 169 -9.30 -1.27 -6.09
N THR A 170 -8.19 -1.86 -5.76
CA THR A 170 -6.97 -1.16 -6.00
C THR A 170 -6.09 -1.92 -6.89
N VAL A 171 -5.63 -1.30 -7.94
CA VAL A 171 -4.66 -1.90 -8.80
C VAL A 171 -3.26 -1.99 -8.22
N LYS A 172 -2.68 -3.16 -8.32
CA LYS A 172 -1.31 -3.41 -7.99
C LYS A 172 -0.70 -4.02 -9.19
N ILE A 173 0.25 -3.32 -9.76
CA ILE A 173 1.03 -3.85 -10.83
C ILE A 173 2.18 -4.64 -10.23
N GLY A 174 2.40 -5.85 -10.72
CA GLY A 174 3.60 -6.59 -10.35
C GLY A 174 3.93 -7.52 -11.47
N ASP A 175 4.57 -8.62 -11.13
CA ASP A 175 4.73 -9.72 -12.05
C ASP A 175 4.30 -10.90 -11.26
N PHE A 176 3.07 -11.35 -11.46
CA PHE A 176 2.58 -12.47 -10.71
C PHE A 176 2.80 -13.80 -11.38
N GLY A 177 3.65 -13.85 -12.41
CA GLY A 177 3.90 -15.08 -13.15
C GLY A 177 5.19 -15.75 -12.75
N LEU A 178 5.33 -17.02 -13.10
CA LEU A 178 6.49 -17.79 -12.67
C LEU A 178 7.33 -18.39 -13.77
N ALA A 179 7.07 -17.97 -15.00
CA ALA A 179 7.61 -18.67 -16.17
C ALA A 179 8.74 -17.95 -16.92
N THR A 180 9.37 -16.91 -16.32
CA THR A 180 10.44 -16.14 -17.04
C THR A 180 11.78 -15.98 -16.30
N SER A 197 3.69 -15.28 -23.84
CA SER A 197 2.92 -14.11 -23.41
C SER A 197 2.57 -13.07 -24.54
N ILE A 198 2.18 -13.55 -25.72
CA ILE A 198 2.26 -12.71 -26.93
C ILE A 198 1.17 -11.66 -27.19
N LEU A 199 0.01 -11.75 -26.56
CA LEU A 199 -1.08 -10.84 -26.92
C LEU A 199 -0.78 -9.38 -26.61
N TRP A 200 0.18 -9.15 -25.72
CA TRP A 200 0.47 -7.80 -25.21
C TRP A 200 1.79 -7.28 -25.76
N MET A 201 2.32 -7.98 -26.75
CA MET A 201 3.66 -7.74 -27.24
C MET A 201 3.62 -6.84 -28.46
N ALA A 202 4.33 -5.73 -28.39
CA ALA A 202 4.35 -4.76 -29.47
C ALA A 202 5.00 -5.36 -30.69
N PRO A 203 4.56 -4.93 -31.87
CA PRO A 203 5.14 -5.49 -33.07
C PRO A 203 6.66 -5.48 -33.01
N GLU A 204 7.28 -4.40 -32.54
CA GLU A 204 8.76 -4.38 -32.59
C GLU A 204 9.37 -5.40 -31.64
N VAL A 205 8.67 -5.80 -30.60
CA VAL A 205 9.06 -6.85 -29.67
C VAL A 205 9.03 -8.23 -30.28
N ILE A 206 8.03 -8.49 -31.08
CA ILE A 206 7.92 -9.73 -31.78
C ILE A 206 8.98 -9.99 -32.82
N ARG A 207 9.28 -9.00 -33.60
CA ARG A 207 10.31 -9.12 -34.58
C ARG A 207 11.66 -9.33 -33.95
N MET A 208 11.96 -8.67 -32.85
CA MET A 208 13.20 -8.87 -32.13
C MET A 208 14.34 -8.65 -33.04
N GLN A 209 14.22 -7.61 -33.85
CA GLN A 209 15.19 -7.29 -34.86
C GLN A 209 15.94 -6.01 -34.54
N ASP A 210 15.43 -5.26 -33.59
CA ASP A 210 16.07 -4.02 -33.22
C ASP A 210 16.65 -4.10 -31.81
N LYS A 211 16.95 -5.33 -31.37
CA LYS A 211 17.25 -5.64 -29.98
C LYS A 211 18.39 -4.86 -29.29
N ASN A 212 18.15 -4.30 -28.10
CA ASN A 212 16.90 -4.36 -27.31
C ASN A 212 15.64 -3.78 -27.93
N PRO A 213 14.56 -4.54 -27.87
CA PRO A 213 13.28 -4.05 -28.37
C PRO A 213 12.31 -3.51 -27.33
N TYR A 214 12.64 -3.58 -26.05
CA TYR A 214 11.81 -3.15 -24.98
C TYR A 214 12.03 -1.73 -24.73
N SER A 215 11.00 -1.00 -24.39
CA SER A 215 11.10 0.47 -24.28
C SER A 215 9.89 0.99 -23.56
N PHE A 216 9.91 2.27 -23.17
CA PHE A 216 8.76 2.84 -22.50
C PHE A 216 7.57 2.57 -23.37
N GLN A 217 7.81 2.59 -24.68
CA GLN A 217 6.73 2.50 -25.66
C GLN A 217 6.22 1.09 -25.88
N SER A 218 7.05 0.08 -25.71
CA SER A 218 6.51 -1.27 -25.79
C SER A 218 5.57 -1.50 -24.60
N ASP A 219 5.91 -0.97 -23.43
CA ASP A 219 5.02 -0.96 -22.27
C ASP A 219 3.68 -0.26 -22.61
N VAL A 220 3.74 0.87 -23.30
CA VAL A 220 2.52 1.59 -23.67
C VAL A 220 1.62 0.72 -24.52
N TYR A 221 2.23 0.01 -25.48
CA TYR A 221 1.51 -0.91 -26.33
C TYR A 221 0.77 -1.92 -25.47
N ALA A 222 1.51 -2.62 -24.62
CA ALA A 222 0.89 -3.58 -23.75
C ALA A 222 -0.32 -2.93 -23.03
N PHE A 223 -0.11 -1.71 -22.50
CA PHE A 223 -1.16 -0.99 -21.81
C PHE A 223 -2.34 -0.77 -22.77
N GLY A 224 -2.06 -0.50 -24.04
CA GLY A 224 -3.11 -0.39 -25.02
C GLY A 224 -3.92 -1.66 -25.16
N ILE A 225 -3.24 -2.79 -25.16
CA ILE A 225 -3.94 -4.06 -25.19
C ILE A 225 -4.76 -4.23 -23.88
N VAL A 226 -4.30 -3.70 -22.75
CA VAL A 226 -5.08 -3.77 -21.50
C VAL A 226 -6.35 -2.94 -21.58
N LEU A 227 -6.25 -1.76 -22.19
CA LEU A 227 -7.43 -0.95 -22.39
C LEU A 227 -8.45 -1.62 -23.32
N TYR A 228 -7.96 -2.28 -24.35
CA TYR A 228 -8.82 -3.02 -25.25
C TYR A 228 -9.61 -4.11 -24.47
N GLU A 229 -8.90 -4.83 -23.59
CA GLU A 229 -9.53 -5.80 -22.71
C GLU A 229 -10.55 -5.11 -21.82
N LEU A 230 -10.16 -3.99 -21.21
CA LEU A 230 -11.09 -3.32 -20.32
C LEU A 230 -12.36 -3.01 -21.10
N MET A 231 -12.21 -2.29 -22.20
CA MET A 231 -13.32 -1.78 -23.00
C MET A 231 -14.04 -2.82 -23.86
N THR A 232 -13.47 -4.01 -24.03
CA THR A 232 -14.22 -5.05 -24.75
C THR A 232 -14.67 -6.19 -23.87
N GLY A 233 -13.96 -6.47 -22.79
CA GLY A 233 -14.19 -7.68 -22.01
C GLY A 233 -13.48 -8.92 -22.56
N GLN A 234 -12.74 -8.76 -23.66
CA GLN A 234 -12.15 -9.90 -24.42
C GLN A 234 -10.66 -9.74 -24.71
N LEU A 235 -9.99 -10.85 -25.04
CA LEU A 235 -8.62 -10.79 -25.49
C LEU A 235 -8.58 -10.47 -26.99
N PRO A 236 -7.54 -9.75 -27.45
CA PRO A 236 -7.44 -9.56 -28.90
C PRO A 236 -7.36 -10.88 -29.67
N TYR A 237 -7.75 -10.86 -30.94
CA TYR A 237 -7.51 -11.96 -31.86
C TYR A 237 -8.09 -13.26 -31.42
N SER A 238 -9.25 -13.21 -30.75
CA SER A 238 -9.91 -14.45 -30.27
C SER A 238 -10.52 -15.34 -31.35
N ASN A 239 -10.66 -14.82 -32.56
CA ASN A 239 -11.11 -15.67 -33.63
C ASN A 239 -9.97 -16.38 -34.36
N ILE A 240 -8.72 -16.14 -33.95
CA ILE A 240 -7.59 -16.86 -34.52
C ILE A 240 -7.15 -17.90 -33.50
N ASN A 241 -7.01 -19.16 -33.91
CA ASN A 241 -6.62 -20.21 -32.97
C ASN A 241 -5.20 -20.72 -33.20
N ASN A 242 -4.36 -19.89 -33.81
CA ASN A 242 -3.01 -20.31 -34.17
C ASN A 242 -1.98 -19.29 -33.72
N ARG A 243 -1.25 -19.65 -32.67
CA ARG A 243 -0.29 -18.77 -31.99
C ARG A 243 0.77 -18.26 -32.96
N ASP A 244 1.32 -19.17 -33.78
CA ASP A 244 2.41 -18.80 -34.66
C ASP A 244 2.03 -17.70 -35.63
N GLN A 245 0.80 -17.76 -36.12
CA GLN A 245 0.30 -16.78 -37.07
C GLN A 245 0.04 -15.43 -36.43
N ILE A 246 -0.51 -15.45 -35.21
CA ILE A 246 -0.73 -14.19 -34.53
C ILE A 246 0.62 -13.54 -34.43
N ILE A 247 1.63 -14.32 -34.06
CA ILE A 247 2.97 -13.82 -33.83
C ILE A 247 3.50 -13.14 -35.09
N PHE A 248 3.45 -13.88 -36.20
CA PHE A 248 3.94 -13.44 -37.51
C PHE A 248 3.13 -12.27 -38.04
N MET A 249 1.81 -12.33 -37.88
CA MET A 249 0.93 -11.28 -38.38
C MET A 249 0.93 -9.97 -37.65
N VAL A 250 1.05 -10.00 -36.32
CA VAL A 250 1.19 -8.80 -35.54
C VAL A 250 2.50 -8.13 -35.85
N GLY A 251 3.56 -8.92 -35.97
CA GLY A 251 4.92 -8.41 -36.21
C GLY A 251 5.09 -7.80 -37.57
N ARG A 252 4.23 -8.14 -38.52
CA ARG A 252 4.29 -7.54 -39.85
C ARG A 252 3.30 -6.43 -40.00
N GLY A 253 2.45 -6.24 -39.00
CA GLY A 253 1.42 -5.23 -39.12
C GLY A 253 0.22 -5.70 -39.91
N TYR A 254 0.12 -7.01 -40.17
CA TYR A 254 -1.03 -7.52 -40.92
C TYR A 254 -2.27 -7.57 -40.08
N LEU A 255 -2.08 -7.75 -38.79
CA LEU A 255 -3.19 -7.95 -37.91
C LEU A 255 -3.02 -7.01 -36.76
N SER A 256 -4.13 -6.45 -36.31
CA SER A 256 -4.15 -5.59 -35.15
C SER A 256 -5.50 -5.73 -34.45
N PRO A 257 -5.61 -5.28 -33.19
CA PRO A 257 -6.88 -5.42 -32.46
C PRO A 257 -8.06 -4.76 -33.17
N ASP A 258 -9.17 -5.48 -33.23
CA ASP A 258 -10.42 -4.99 -33.79
C ASP A 258 -11.07 -3.92 -32.91
N LEU A 259 -10.81 -2.65 -33.18
CA LEU A 259 -11.29 -1.60 -32.26
C LEU A 259 -12.81 -1.43 -32.36
N SER A 260 -13.39 -2.01 -33.41
CA SER A 260 -14.81 -1.85 -33.62
C SER A 260 -15.61 -2.60 -32.57
N LYS A 261 -14.97 -3.52 -31.85
CA LYS A 261 -15.60 -4.28 -30.77
C LYS A 261 -15.78 -3.49 -29.46
N VAL A 262 -15.21 -2.28 -29.43
CA VAL A 262 -15.27 -1.46 -28.25
C VAL A 262 -16.71 -1.07 -27.92
N ARG A 263 -17.11 -1.38 -26.69
CA ARG A 263 -18.45 -1.05 -26.19
C ARG A 263 -18.85 0.39 -26.55
N SER A 264 -20.05 0.57 -27.10
CA SER A 264 -20.57 1.93 -27.43
C SER A 264 -20.60 2.93 -26.25
N ASN A 265 -20.67 2.43 -25.01
CA ASN A 265 -20.74 3.31 -23.85
C ASN A 265 -19.38 3.77 -23.36
N CYS A 266 -18.35 3.41 -24.12
CA CYS A 266 -16.98 3.89 -23.92
C CYS A 266 -16.79 5.29 -24.55
N PRO A 267 -16.27 6.25 -23.77
CA PRO A 267 -15.99 7.62 -24.24
C PRO A 267 -15.09 7.67 -25.50
N LYS A 268 -15.46 8.48 -26.50
CA LYS A 268 -14.67 8.61 -27.71
C LYS A 268 -13.21 8.77 -27.33
N ALA A 269 -12.97 9.57 -26.29
CA ALA A 269 -11.62 10.01 -25.94
C ALA A 269 -10.79 8.85 -25.42
N MET A 270 -11.47 7.86 -24.86
CA MET A 270 -10.83 6.65 -24.39
C MET A 270 -10.52 5.75 -25.58
N LYS A 271 -11.42 5.74 -26.56
CA LYS A 271 -11.18 4.95 -27.74
C LYS A 271 -9.97 5.46 -28.55
N ARG A 272 -9.82 6.79 -28.64
CA ARG A 272 -8.72 7.41 -29.38
C ARG A 272 -7.43 7.16 -28.65
N LEU A 273 -7.46 7.22 -27.31
CA LEU A 273 -6.31 6.87 -26.48
C LEU A 273 -5.82 5.43 -26.71
N MET A 274 -6.78 4.51 -26.77
CA MET A 274 -6.47 3.13 -27.11
C MET A 274 -5.77 3.04 -28.48
N ALA A 275 -6.30 3.71 -29.50
CA ALA A 275 -5.76 3.59 -30.86
C ALA A 275 -4.35 4.16 -30.90
N GLU A 276 -4.15 5.26 -30.17
CA GLU A 276 -2.85 5.90 -30.03
C GLU A 276 -1.80 5.00 -29.36
N CYS A 277 -2.12 4.44 -28.18
CA CYS A 277 -1.26 3.44 -27.52
C CYS A 277 -0.97 2.22 -28.39
N LEU A 278 -1.90 1.81 -29.22
CA LEU A 278 -1.70 0.60 -29.98
C LEU A 278 -0.91 0.83 -31.26
N LYS A 279 -0.41 2.04 -31.47
CA LYS A 279 0.24 2.33 -32.74
C LYS A 279 1.41 1.40 -33.11
N LYS A 280 1.42 0.98 -34.37
CA LYS A 280 2.39 0.01 -34.85
C LYS A 280 3.82 0.54 -34.75
N LYS A 281 4.02 1.81 -35.09
CA LYS A 281 5.35 2.38 -35.11
C LYS A 281 5.53 3.00 -33.75
N ARG A 282 6.48 2.44 -32.99
CA ARG A 282 6.61 2.76 -31.57
C ARG A 282 6.62 4.24 -31.21
N ASP A 283 7.37 5.08 -31.93
CA ASP A 283 7.42 6.48 -31.48
C ASP A 283 6.26 7.37 -31.94
N GLU A 284 5.16 6.73 -32.31
CA GLU A 284 3.92 7.42 -32.52
C GLU A 284 3.09 7.33 -31.23
N ARG A 285 3.46 6.40 -30.34
CA ARG A 285 2.70 6.13 -29.11
C ARG A 285 2.98 7.23 -28.11
N PRO A 286 1.97 7.65 -27.34
CA PRO A 286 2.20 8.59 -26.25
C PRO A 286 3.00 7.98 -25.13
N LEU A 287 3.55 8.79 -24.25
CA LEU A 287 4.17 8.22 -23.06
C LEU A 287 3.20 8.36 -21.88
N PHE A 288 3.54 7.78 -20.75
CA PHE A 288 2.58 7.75 -19.67
C PHE A 288 2.16 9.10 -19.05
N PRO A 289 3.07 10.10 -19.00
CA PRO A 289 2.54 11.39 -18.53
C PRO A 289 1.36 11.85 -19.35
N GLN A 290 1.46 11.70 -20.66
CA GLN A 290 0.40 12.10 -21.58
CA GLN A 290 0.39 12.09 -21.59
C GLN A 290 -0.81 11.15 -21.47
N ILE A 291 -0.53 9.84 -21.30
CA ILE A 291 -1.58 8.82 -21.18
C ILE A 291 -2.43 9.09 -19.93
N LEU A 292 -1.75 9.28 -18.81
CA LEU A 292 -2.39 9.56 -17.52
C LEU A 292 -3.21 10.86 -17.55
N ALA A 293 -2.65 11.91 -18.14
CA ALA A 293 -3.33 13.19 -18.22
C ALA A 293 -4.66 13.06 -18.97
N SER A 294 -4.65 12.27 -20.05
CA SER A 294 -5.88 11.94 -20.79
C SER A 294 -6.88 11.18 -19.95
N ILE A 295 -6.47 10.11 -19.28
CA ILE A 295 -7.46 9.39 -18.48
C ILE A 295 -8.01 10.33 -17.40
N GLU A 296 -7.11 11.13 -16.82
CA GLU A 296 -7.49 12.12 -15.79
C GLU A 296 -8.42 13.16 -16.35
N LEU A 297 -8.08 13.72 -17.51
CA LEU A 297 -8.98 14.64 -18.20
C LEU A 297 -10.35 14.02 -18.46
N LEU A 298 -10.41 12.81 -19.01
CA LEU A 298 -11.73 12.29 -19.40
C LEU A 298 -12.57 11.90 -18.20
N ALA A 299 -11.92 11.48 -17.12
CA ALA A 299 -12.63 11.07 -15.91
C ALA A 299 -13.33 12.25 -15.24
N ARG A 300 -12.69 13.43 -15.27
CA ARG A 300 -13.24 14.69 -14.71
C ARG A 300 -14.58 15.09 -15.38
N SER A 301 -14.89 14.44 -16.50
CA SER A 301 -16.19 14.59 -17.16
C SER A 301 -17.17 13.48 -16.67
N ASP B 30 17.52 6.67 -3.57
CA ASP B 30 17.17 8.07 -3.14
C ASP B 30 15.73 8.50 -3.49
N TRP B 31 15.09 9.09 -2.48
CA TRP B 31 13.68 9.32 -2.48
C TRP B 31 13.43 10.79 -2.60
N GLU B 32 14.42 11.51 -3.10
CA GLU B 32 14.25 12.93 -3.31
C GLU B 32 13.40 13.07 -4.53
N ILE B 33 12.31 13.81 -4.38
CA ILE B 33 11.40 14.07 -5.47
C ILE B 33 11.90 15.31 -6.19
N PRO B 34 12.26 15.13 -7.46
CA PRO B 34 12.83 16.25 -8.22
C PRO B 34 11.94 17.48 -8.21
N ASP B 35 12.55 18.63 -8.51
CA ASP B 35 11.86 19.93 -8.43
C ASP B 35 10.73 20.07 -9.44
N GLY B 36 9.56 20.47 -8.94
CA GLY B 36 8.39 20.78 -9.75
C GLY B 36 7.46 19.68 -10.21
N GLN B 37 7.65 18.47 -9.71
CA GLN B 37 6.78 17.35 -10.12
C GLN B 37 5.50 17.24 -9.33
N ILE B 38 5.45 17.92 -8.18
CA ILE B 38 4.34 17.82 -7.23
C ILE B 38 3.39 18.98 -7.41
N THR B 39 2.11 18.67 -7.69
CA THR B 39 1.10 19.71 -7.74
C THR B 39 0.44 19.73 -6.40
N VAL B 40 0.59 20.81 -5.66
CA VAL B 40 -0.08 21.00 -4.37
C VAL B 40 -1.56 21.45 -4.56
N GLY B 41 -2.51 20.70 -3.96
CA GLY B 41 -3.97 20.99 -3.99
C GLY B 41 -4.50 21.56 -2.67
N GLN B 42 -5.66 21.07 -2.19
CA GLN B 42 -6.33 21.62 -0.96
C GLN B 42 -5.46 21.52 0.33
N ARG B 43 -5.42 22.57 1.16
CA ARG B 43 -4.91 22.44 2.55
C ARG B 43 -5.85 21.54 3.34
N ILE B 44 -5.30 20.70 4.20
CA ILE B 44 -6.08 19.76 4.96
C ILE B 44 -5.96 20.13 6.43
N GLY B 45 -4.78 20.64 6.83
CA GLY B 45 -4.58 21.14 8.19
C GLY B 45 -3.22 21.79 8.36
N SER B 46 -3.04 22.54 9.43
CA SER B 46 -1.73 23.15 9.67
C SER B 46 -1.45 23.34 11.15
N GLY B 47 -0.24 23.78 11.45
CA GLY B 47 0.23 23.97 12.83
C GLY B 47 1.73 24.11 12.84
N SER B 48 2.28 24.36 14.04
CA SER B 48 3.72 24.57 14.24
C SER B 48 4.60 23.61 13.39
N PHE B 49 4.39 22.30 13.55
CA PHE B 49 5.18 21.29 12.81
C PHE B 49 5.04 21.34 11.25
N GLY B 50 3.95 21.92 10.74
CA GLY B 50 3.87 22.19 9.29
C GLY B 50 2.48 22.36 8.70
N THR B 51 2.30 21.91 7.45
CA THR B 51 1.02 22.06 6.79
C THR B 51 0.78 20.91 5.83
N VAL B 52 -0.43 20.39 5.84
CA VAL B 52 -0.69 19.17 5.13
C VAL B 52 -1.61 19.42 3.98
N TYR B 53 -1.20 19.03 2.79
CA TYR B 53 -1.98 19.28 1.59
C TYR B 53 -2.25 17.98 0.90
N LYS B 54 -3.35 17.94 0.16
CA LYS B 54 -3.57 16.85 -0.77
C LYS B 54 -2.78 17.26 -1.99
N GLY B 55 -2.08 16.32 -2.60
CA GLY B 55 -1.23 16.63 -3.74
C GLY B 55 -1.49 15.75 -4.94
N LYS B 56 -0.72 16.01 -6.00
CA LYS B 56 -0.73 15.17 -7.17
C LYS B 56 0.73 14.87 -7.58
N TRP B 57 1.04 13.57 -7.67
CA TRP B 57 2.36 13.06 -8.04
C TRP B 57 2.18 11.60 -8.45
N HIS B 58 2.11 11.36 -9.75
CA HIS B 58 1.66 10.07 -10.29
C HIS B 58 0.40 9.52 -9.58
N GLY B 59 -0.64 10.34 -9.43
CA GLY B 59 -1.85 10.03 -8.65
C GLY B 59 -1.91 10.89 -7.38
N ASP B 60 -2.86 10.59 -6.49
CA ASP B 60 -3.04 11.39 -5.28
C ASP B 60 -1.91 11.12 -4.27
N VAL B 61 -1.56 12.15 -3.51
CA VAL B 61 -0.56 12.01 -2.46
C VAL B 61 -0.90 12.99 -1.36
N ALA B 62 -0.25 12.84 -0.21
CA ALA B 62 -0.33 13.86 0.82
C ALA B 62 1.06 14.42 0.95
N VAL B 63 1.11 15.71 1.22
CA VAL B 63 2.36 16.43 1.33
C VAL B 63 2.30 17.20 2.61
N LYS B 64 3.35 17.08 3.42
CA LYS B 64 3.53 17.89 4.61
C LYS B 64 4.76 18.78 4.42
N MET B 65 4.52 20.09 4.47
CA MET B 65 5.57 21.11 4.27
C MET B 65 5.85 21.83 5.57
N LEU B 66 7.10 22.22 5.81
CA LEU B 66 7.40 23.29 6.79
C LEU B 66 7.18 24.62 6.04
N ASN B 67 6.08 25.30 6.35
CA ASN B 67 5.60 26.41 5.53
C ASN B 67 6.35 27.75 5.76
N VAL B 68 7.60 27.66 6.22
CA VAL B 68 8.45 28.84 6.54
C VAL B 68 9.33 29.33 5.38
N THR B 69 9.94 30.49 5.59
CA THR B 69 10.84 31.12 4.60
C THR B 69 12.27 30.54 4.68
N ALA B 70 12.75 30.28 5.91
CA ALA B 70 14.06 29.64 6.14
C ALA B 70 14.04 28.74 7.39
N PRO B 71 14.24 27.41 7.21
CA PRO B 71 14.21 26.41 8.30
C PRO B 71 15.30 26.56 9.34
N THR B 72 14.95 26.43 10.62
CA THR B 72 15.93 26.46 11.71
C THR B 72 16.74 25.16 11.75
N PRO B 73 17.96 25.19 12.33
CA PRO B 73 18.74 23.94 12.46
C PRO B 73 18.01 22.81 13.25
N GLN B 74 17.11 23.20 14.18
CA GLN B 74 16.31 22.24 14.97
C GLN B 74 15.25 21.56 14.08
N GLN B 75 14.64 22.36 13.22
CA GLN B 75 13.61 21.93 12.28
C GLN B 75 14.17 21.05 11.17
N LEU B 76 15.32 21.42 10.63
CA LEU B 76 15.96 20.64 9.58
C LEU B 76 16.46 19.30 10.14
N GLN B 77 16.63 19.24 11.45
CA GLN B 77 17.06 18.01 12.10
C GLN B 77 15.84 17.13 12.28
N ALA B 78 14.69 17.76 12.53
CA ALA B 78 13.45 17.04 12.75
C ALA B 78 12.97 16.47 11.42
N PHE B 79 13.38 17.11 10.34
CA PHE B 79 12.99 16.71 9.01
C PHE B 79 13.79 15.46 8.60
N LYS B 80 15.09 15.44 8.91
CA LYS B 80 15.92 14.27 8.61
C LYS B 80 15.48 13.08 9.43
N ASN B 81 15.08 13.32 10.68
CA ASN B 81 14.58 12.25 11.56
C ASN B 81 13.28 11.59 11.01
N GLU B 82 12.33 12.39 10.52
CA GLU B 82 11.11 11.80 10.02
C GLU B 82 11.26 11.06 8.70
N VAL B 83 12.02 11.61 7.77
CA VAL B 83 12.45 10.87 6.60
C VAL B 83 13.27 9.62 7.01
N GLY B 84 14.16 9.76 8.00
CA GLY B 84 14.97 8.61 8.44
C GLY B 84 14.15 7.41 8.92
N VAL B 85 13.06 7.67 9.63
CA VAL B 85 12.22 6.63 10.18
C VAL B 85 11.28 6.15 9.09
N LEU B 86 10.59 7.10 8.44
CA LEU B 86 9.66 6.76 7.38
C LEU B 86 10.28 5.83 6.34
N ARG B 87 11.49 6.16 5.89
CA ARG B 87 12.10 5.36 4.84
C ARG B 87 12.52 3.96 5.27
N LYS B 88 12.43 3.67 6.56
CA LYS B 88 12.75 2.34 7.08
C LYS B 88 11.55 1.43 7.04
N THR B 89 10.40 2.01 6.70
CA THR B 89 9.12 1.29 6.78
C THR B 89 8.52 0.90 5.42
N ARG B 90 8.19 -0.40 5.29
CA ARG B 90 7.43 -0.94 4.16
C ARG B 90 6.48 -1.99 4.71
N HIS B 91 5.21 -1.62 4.87
CA HIS B 91 4.21 -2.51 5.47
C HIS B 91 2.81 -1.94 5.19
N VAL B 92 1.80 -2.77 4.93
CA VAL B 92 0.56 -2.21 4.45
C VAL B 92 -0.12 -1.40 5.54
N ASN B 93 0.05 -1.79 6.79
CA ASN B 93 -0.62 -1.09 7.87
C ASN B 93 0.14 0.14 8.35
N ILE B 94 1.21 0.50 7.67
CA ILE B 94 1.90 1.70 8.01
C ILE B 94 1.80 2.69 6.85
N LEU B 95 1.46 3.94 7.15
CA LEU B 95 1.40 4.99 6.13
C LEU B 95 2.58 4.87 5.14
N LEU B 96 2.29 4.98 3.85
CA LEU B 96 3.31 4.69 2.84
C LEU B 96 4.11 5.92 2.48
N PHE B 97 5.34 5.95 2.98
CA PHE B 97 6.26 7.02 2.61
C PHE B 97 6.63 6.89 1.13
N MET B 98 6.71 8.03 0.47
CA MET B 98 6.87 8.03 -0.97
C MET B 98 8.08 8.85 -1.40
N GLY B 99 8.37 9.92 -0.68
CA GLY B 99 9.52 10.73 -0.99
C GLY B 99 9.57 12.01 -0.21
N TYR B 100 10.58 12.82 -0.51
CA TYR B 100 10.78 14.07 0.20
C TYR B 100 11.33 15.05 -0.76
N SER B 101 11.14 16.31 -0.43
CA SER B 101 11.71 17.35 -1.23
C SER B 101 12.29 18.40 -0.31
N THR B 102 13.32 19.10 -0.77
CA THR B 102 14.04 20.08 0.04
C THR B 102 13.79 21.51 -0.40
N LYS B 103 13.85 21.74 -1.71
CA LYS B 103 13.61 23.04 -2.32
C LYS B 103 12.24 23.04 -3.05
N PRO B 104 11.46 24.14 -2.99
CA PRO B 104 11.66 25.42 -2.26
C PRO B 104 11.49 25.30 -0.74
N GLN B 105 10.68 24.36 -0.25
CA GLN B 105 10.62 24.09 1.20
C GLN B 105 10.68 22.61 1.58
N LEU B 106 11.11 22.34 2.81
CA LEU B 106 11.18 20.99 3.33
C LEU B 106 9.80 20.39 3.22
N ALA B 107 9.68 19.22 2.58
CA ALA B 107 8.38 18.56 2.42
C ALA B 107 8.56 17.04 2.44
N ILE B 108 7.59 16.34 3.05
CA ILE B 108 7.55 14.87 3.05
C ILE B 108 6.31 14.37 2.34
N VAL B 109 6.51 13.56 1.30
CA VAL B 109 5.39 13.08 0.52
C VAL B 109 5.09 11.67 0.91
N THR B 110 3.81 11.41 1.19
CA THR B 110 3.29 10.07 1.43
C THR B 110 2.08 9.74 0.55
N GLN B 111 1.63 8.50 0.62
CA GLN B 111 0.34 8.14 0.05
C GLN B 111 -0.76 9.01 0.62
N TRP B 112 -1.84 9.14 -0.14
CA TRP B 112 -3.04 9.84 0.30
C TRP B 112 -3.99 8.88 0.96
N CYS B 113 -4.58 9.27 2.07
CA CYS B 113 -5.55 8.39 2.70
C CYS B 113 -6.96 8.90 2.52
N GLU B 114 -7.79 8.04 1.95
CA GLU B 114 -9.17 8.39 1.79
C GLU B 114 -10.02 7.74 2.88
N GLY B 115 -10.75 8.57 3.60
CA GLY B 115 -11.57 8.08 4.68
C GLY B 115 -11.40 8.98 5.87
N SER B 116 -11.56 8.40 7.05
CA SER B 116 -11.31 9.20 8.23
C SER B 116 -10.67 8.33 9.28
N SER B 117 -10.18 8.98 10.34
CA SER B 117 -9.46 8.26 11.40
C SER B 117 -10.38 7.37 12.21
N LEU B 118 -9.80 6.38 12.90
CA LEU B 118 -10.56 5.58 13.87
C LEU B 118 -11.27 6.44 14.92
N TYR B 119 -10.58 7.45 15.42
CA TYR B 119 -11.17 8.38 16.34
C TYR B 119 -12.45 9.01 15.80
N HIS B 120 -12.41 9.49 14.55
CA HIS B 120 -13.57 10.12 13.93
C HIS B 120 -14.70 9.11 13.92
N HIS B 121 -14.49 7.93 13.34
CA HIS B 121 -15.53 6.93 13.40
C HIS B 121 -16.10 6.70 14.80
N LEU B 122 -15.29 6.53 15.85
CA LEU B 122 -15.91 6.11 17.10
C LEU B 122 -16.58 7.25 17.82
N HIS B 123 -15.96 8.43 17.77
CA HIS B 123 -16.29 9.50 18.72
C HIS B 123 -16.96 10.74 18.09
N ILE B 124 -16.99 10.79 16.77
CA ILE B 124 -17.58 11.95 16.11
C ILE B 124 -18.79 11.56 15.27
N ILE B 125 -18.68 10.61 14.35
CA ILE B 125 -19.87 10.19 13.59
C ILE B 125 -20.46 8.91 14.17
N GLU B 126 -19.77 8.33 15.13
CA GLU B 126 -20.31 7.20 15.88
C GLU B 126 -20.77 6.08 14.96
N THR B 127 -19.97 5.83 13.92
CA THR B 127 -20.03 4.58 13.22
C THR B 127 -20.15 3.53 14.30
N LYS B 128 -21.14 2.65 14.20
CA LYS B 128 -21.17 1.52 15.16
C LYS B 128 -20.84 0.24 14.41
N PHE B 129 -19.62 -0.23 14.60
CA PHE B 129 -19.04 -1.33 13.85
C PHE B 129 -19.50 -2.64 14.42
N GLU B 130 -19.62 -3.66 13.58
CA GLU B 130 -19.82 -5.03 14.04
C GLU B 130 -18.58 -5.46 14.78
N MET B 131 -18.67 -6.58 15.52
CA MET B 131 -17.58 -7.11 16.34
C MET B 131 -16.45 -7.68 15.50
N ILE B 132 -16.78 -8.52 14.51
CA ILE B 132 -15.73 -9.07 13.64
C ILE B 132 -14.82 -7.93 13.08
N LYS B 133 -15.46 -6.79 12.78
CA LYS B 133 -14.78 -5.63 12.22
C LYS B 133 -13.97 -4.89 13.30
N LEU B 134 -14.55 -4.75 14.50
CA LEU B 134 -13.80 -4.20 15.62
C LEU B 134 -12.52 -5.00 15.84
N ILE B 135 -12.61 -6.31 15.78
CA ILE B 135 -11.47 -7.16 16.06
C ILE B 135 -10.49 -7.12 14.90
N ASP B 136 -11.02 -6.92 13.70
CA ASP B 136 -10.16 -6.75 12.54
C ASP B 136 -9.23 -5.53 12.69
N ILE B 137 -9.81 -4.46 13.22
CA ILE B 137 -9.10 -3.22 13.35
C ILE B 137 -7.98 -3.39 14.34
N ALA B 138 -8.19 -4.19 15.36
CA ALA B 138 -7.18 -4.36 16.36
C ALA B 138 -6.07 -5.20 15.80
N ARG B 139 -6.44 -6.22 15.03
CA ARG B 139 -5.48 -7.11 14.35
C ARG B 139 -4.54 -6.30 13.47
N GLN B 140 -5.11 -5.40 12.67
CA GLN B 140 -4.30 -4.61 11.76
C GLN B 140 -3.43 -3.61 12.48
N THR B 141 -3.99 -2.93 13.49
CA THR B 141 -3.18 -2.06 14.30
C THR B 141 -2.03 -2.83 14.94
N ALA B 142 -2.26 -4.07 15.37
CA ALA B 142 -1.23 -4.90 16.01
C ALA B 142 -0.12 -5.34 15.01
N GLN B 143 -0.53 -5.59 13.76
CA GLN B 143 0.40 -5.92 12.69
C GLN B 143 1.32 -4.73 12.47
N GLY B 144 0.72 -3.56 12.37
CA GLY B 144 1.45 -2.30 12.27
C GLY B 144 2.45 -2.05 13.36
N MET B 145 2.03 -2.19 14.61
CA MET B 145 2.91 -1.94 15.74
C MET B 145 3.96 -3.04 15.87
N ASP B 146 3.56 -4.31 15.71
CA ASP B 146 4.51 -5.42 15.62
C ASP B 146 5.60 -5.09 14.62
N TYR B 147 5.23 -4.63 13.43
CA TYR B 147 6.21 -4.23 12.43
C TYR B 147 7.15 -3.11 12.94
N LEU B 148 6.56 -2.02 13.43
CA LEU B 148 7.38 -0.89 13.87
C LEU B 148 8.34 -1.31 14.96
N HIS B 149 7.90 -2.22 15.83
CA HIS B 149 8.77 -2.56 16.95
C HIS B 149 9.89 -3.45 16.52
N ALA B 150 9.59 -4.36 15.59
CA ALA B 150 10.59 -5.24 15.03
C ALA B 150 11.64 -4.38 14.32
N LYS B 151 11.23 -3.21 13.87
CA LYS B 151 12.22 -2.34 13.24
C LYS B 151 12.87 -1.32 14.21
N SER B 152 12.72 -1.61 15.52
CA SER B 152 13.12 -0.73 16.64
C SER B 152 12.50 0.66 16.64
N ILE B 153 11.28 0.80 16.11
CA ILE B 153 10.61 2.10 16.06
C ILE B 153 9.55 2.15 17.14
N ILE B 154 9.66 3.13 18.03
CA ILE B 154 8.64 3.34 18.98
C ILE B 154 7.81 4.48 18.42
N HIS B 155 6.49 4.31 18.42
CA HIS B 155 5.64 5.29 17.81
C HIS B 155 5.57 6.57 18.63
N ARG B 156 5.43 6.41 19.96
CA ARG B 156 5.31 7.52 20.95
C ARG B 156 3.98 8.27 20.99
N ASP B 157 3.09 8.09 20.02
CA ASP B 157 1.83 8.82 20.08
C ASP B 157 0.72 8.03 19.40
N LEU B 158 0.65 6.74 19.73
CA LEU B 158 -0.38 5.87 19.20
C LEU B 158 -1.64 6.26 19.91
N LYS B 159 -2.69 6.51 19.12
CA LYS B 159 -4.00 6.87 19.63
C LYS B 159 -4.95 6.71 18.46
N SER B 160 -6.24 6.67 18.71
CA SER B 160 -7.14 6.39 17.60
C SER B 160 -7.10 7.42 16.47
N ASN B 161 -6.75 8.69 16.76
CA ASN B 161 -6.60 9.75 15.74
CA ASN B 161 -6.67 9.68 15.66
C ASN B 161 -5.48 9.41 14.77
N ASN B 162 -4.53 8.63 15.27
CA ASN B 162 -3.40 8.23 14.45
C ASN B 162 -3.56 6.87 13.72
N ILE B 163 -4.77 6.34 13.73
CA ILE B 163 -5.08 5.07 13.12
C ILE B 163 -6.09 5.41 12.04
N PHE B 164 -5.63 5.38 10.80
CA PHE B 164 -6.48 5.79 9.71
C PHE B 164 -7.15 4.59 9.12
N LEU B 165 -8.39 4.74 8.75
CA LEU B 165 -9.11 3.72 8.06
C LEU B 165 -9.19 4.08 6.62
N HIS B 166 -8.22 3.64 5.86
CA HIS B 166 -8.12 3.98 4.47
C HIS B 166 -9.11 3.14 3.70
N GLU B 167 -10.02 3.82 3.05
CA GLU B 167 -11.09 3.20 2.30
C GLU B 167 -12.01 2.44 3.19
N ASP B 168 -11.97 2.72 4.48
CA ASP B 168 -12.78 1.99 5.43
C ASP B 168 -12.45 0.52 5.44
N LEU B 169 -11.20 0.19 5.31
CA LEU B 169 -10.82 -1.16 5.07
C LEU B 169 -9.57 -1.55 5.82
N THR B 170 -8.50 -0.89 5.43
CA THR B 170 -7.17 -1.10 5.89
C THR B 170 -6.80 -0.02 6.84
N VAL B 171 -6.32 -0.41 8.00
CA VAL B 171 -5.71 0.47 8.94
C VAL B 171 -4.35 0.98 8.46
N LYS B 172 -4.08 2.25 8.61
CA LYS B 172 -2.77 2.85 8.40
C LYS B 172 -2.38 3.52 9.67
N ILE B 173 -1.20 3.25 10.16
CA ILE B 173 -0.68 3.94 11.31
C ILE B 173 0.27 4.98 10.78
N GLY B 174 0.16 6.16 11.37
CA GLY B 174 0.99 7.27 11.04
C GLY B 174 0.87 8.30 12.12
N ASP B 175 1.17 9.53 11.74
CA ASP B 175 1.06 10.64 12.67
C ASP B 175 0.31 11.70 11.92
N PHE B 176 -0.93 11.88 12.30
CA PHE B 176 -1.85 12.63 11.48
C PHE B 176 -2.13 14.02 12.06
N GLY B 177 -1.32 14.40 13.06
CA GLY B 177 -1.33 15.75 13.64
C GLY B 177 -0.04 16.61 13.53
N LEU B 178 -0.17 17.88 13.96
CA LEU B 178 0.89 18.92 13.81
C LEU B 178 1.03 19.77 15.09
N SER B 197 -1.99 12.89 23.00
CA SER B 197 -2.79 13.32 24.16
C SER B 197 -2.65 12.40 25.37
N ILE B 198 -3.11 12.89 26.52
CA ILE B 198 -2.86 12.17 27.76
C ILE B 198 -3.64 10.86 27.92
N LEU B 199 -4.83 10.79 27.31
CA LEU B 199 -5.69 9.63 27.48
C LEU B 199 -4.97 8.34 27.16
N TRP B 200 -3.99 8.42 26.27
CA TRP B 200 -3.34 7.19 25.82
C TRP B 200 -2.00 6.95 26.50
N MET B 201 -1.57 7.85 27.40
CA MET B 201 -0.22 7.70 27.98
C MET B 201 -0.19 6.73 29.17
N ALA B 202 0.75 5.80 29.16
CA ALA B 202 1.03 4.99 30.34
C ALA B 202 1.33 5.89 31.54
N PRO B 203 1.05 5.41 32.78
CA PRO B 203 1.37 6.17 34.00
C PRO B 203 2.81 6.67 34.02
N GLU B 204 3.77 5.86 33.54
CA GLU B 204 5.17 6.32 33.51
C GLU B 204 5.41 7.42 32.46
N VAL B 205 4.60 7.46 31.43
CA VAL B 205 4.74 8.51 30.45
C VAL B 205 4.13 9.81 30.99
N ILE B 206 2.86 9.73 31.39
CA ILE B 206 2.07 10.86 31.89
C ILE B 206 2.74 11.57 33.10
N ARG B 207 3.42 10.85 33.98
CA ARG B 207 4.15 11.50 35.07
C ARG B 207 5.48 11.91 34.47
N MET B 208 5.53 13.09 33.86
CA MET B 208 6.75 13.53 33.14
C MET B 208 8.00 13.74 34.04
N ASN B 212 13.17 10.63 29.24
CA ASN B 212 12.60 9.74 28.22
C ASN B 212 11.92 8.45 28.78
N PRO B 213 10.58 8.49 28.96
CA PRO B 213 9.82 7.36 29.50
C PRO B 213 9.28 6.38 28.43
N TYR B 214 9.55 6.66 27.16
CA TYR B 214 8.98 5.90 26.06
C TYR B 214 9.65 4.54 25.86
N SER B 215 8.83 3.56 25.51
CA SER B 215 9.29 2.21 25.29
C SER B 215 8.25 1.43 24.47
N PHE B 216 8.63 0.24 24.04
CA PHE B 216 7.68 -0.70 23.42
C PHE B 216 6.46 -0.83 24.31
N GLN B 217 6.71 -0.99 25.60
CA GLN B 217 5.63 -1.11 26.57
C GLN B 217 4.74 0.14 26.67
N SER B 218 5.25 1.36 26.56
CA SER B 218 4.33 2.50 26.58
C SER B 218 3.42 2.56 25.33
N ASP B 219 3.95 2.15 24.19
CA ASP B 219 3.14 1.93 23.00
C ASP B 219 2.07 0.87 23.26
N VAL B 220 2.48 -0.23 23.90
CA VAL B 220 1.49 -1.26 24.26
C VAL B 220 0.37 -0.67 25.08
N TYR B 221 0.70 0.06 26.13
CA TYR B 221 -0.34 0.65 26.94
C TYR B 221 -1.29 1.50 26.06
N ALA B 222 -0.75 2.32 25.17
CA ALA B 222 -1.60 3.14 24.25
C ALA B 222 -2.55 2.24 23.45
N PHE B 223 -2.00 1.12 22.96
CA PHE B 223 -2.81 0.11 22.29
C PHE B 223 -3.96 -0.43 23.20
N GLY B 224 -3.64 -0.79 24.45
CA GLY B 224 -4.67 -1.14 25.43
C GLY B 224 -5.84 -0.16 25.45
N ILE B 225 -5.54 1.14 25.37
CA ILE B 225 -6.59 2.16 25.39
C ILE B 225 -7.30 2.19 24.06
N VAL B 226 -6.62 1.81 22.98
CA VAL B 226 -7.29 1.83 21.69
C VAL B 226 -8.29 0.68 21.70
N LEU B 227 -7.88 -0.47 22.23
CA LEU B 227 -8.83 -1.58 22.40
C LEU B 227 -10.00 -1.17 23.27
N TYR B 228 -9.74 -0.36 24.28
CA TYR B 228 -10.81 0.06 25.15
C TYR B 228 -11.78 0.93 24.36
N GLU B 229 -11.25 1.76 23.46
CA GLU B 229 -12.11 2.57 22.59
C GLU B 229 -12.91 1.70 21.61
N LEU B 230 -12.29 0.66 21.07
CA LEU B 230 -13.02 -0.15 20.13
C LEU B 230 -14.13 -0.87 20.88
N MET B 231 -13.81 -1.40 22.05
CA MET B 231 -14.75 -2.25 22.76
C MET B 231 -15.82 -1.48 23.54
N THR B 232 -15.66 -0.18 23.75
CA THR B 232 -16.66 0.53 24.52
C THR B 232 -17.32 1.56 23.67
N GLY B 233 -16.68 1.95 22.58
CA GLY B 233 -17.08 3.11 21.78
C GLY B 233 -16.70 4.42 22.45
N GLN B 234 -16.03 4.38 23.60
CA GLN B 234 -15.81 5.62 24.34
C GLN B 234 -14.38 5.97 24.66
N LEU B 235 -14.18 7.25 24.97
CA LEU B 235 -12.94 7.66 25.54
C LEU B 235 -12.96 7.35 27.05
N PRO B 236 -11.79 6.94 27.61
CA PRO B 236 -11.70 6.77 29.08
C PRO B 236 -11.91 8.08 29.81
N TYR B 237 -12.43 7.99 31.02
CA TYR B 237 -12.50 9.12 31.98
C TYR B 237 -13.52 10.18 31.57
N SER B 238 -14.57 9.76 30.88
CA SER B 238 -15.60 10.72 30.47
C SER B 238 -16.26 11.45 31.66
N ASN B 239 -16.22 10.86 32.87
CA ASN B 239 -16.86 11.48 34.05
C ASN B 239 -15.96 12.39 34.86
N ILE B 240 -14.76 12.68 34.34
CA ILE B 240 -13.89 13.65 34.99
C ILE B 240 -13.66 14.82 34.03
N ASN B 241 -13.84 16.03 34.52
CA ASN B 241 -13.85 17.20 33.65
C ASN B 241 -12.57 18.01 33.82
N ASN B 242 -11.60 17.49 34.56
CA ASN B 242 -10.38 18.23 34.81
C ASN B 242 -9.13 17.46 34.40
N ARG B 243 -8.45 18.00 33.39
CA ARG B 243 -7.25 17.41 32.81
C ARG B 243 -6.15 17.17 33.82
N ASP B 244 -5.93 18.09 34.75
CA ASP B 244 -4.83 17.87 35.70
C ASP B 244 -5.08 16.74 36.69
N GLN B 245 -6.35 16.54 37.04
CA GLN B 245 -6.71 15.44 37.90
C GLN B 245 -6.53 14.12 37.14
N ILE B 246 -6.87 14.11 35.85
CA ILE B 246 -6.58 12.91 35.06
C ILE B 246 -5.10 12.60 35.05
N ILE B 247 -4.28 13.59 34.70
CA ILE B 247 -2.83 13.42 34.74
C ILE B 247 -2.30 12.93 36.09
N PHE B 248 -2.78 13.52 37.19
CA PHE B 248 -2.24 13.18 38.51
C PHE B 248 -2.65 11.73 38.91
N MET B 249 -3.95 11.45 38.85
CA MET B 249 -4.53 10.15 39.18
C MET B 249 -4.05 8.99 38.36
N VAL B 250 -3.86 9.19 37.06
CA VAL B 250 -3.44 8.09 36.19
C VAL B 250 -1.99 7.77 36.55
N GLY B 251 -1.19 8.82 36.70
CA GLY B 251 0.24 8.65 36.94
C GLY B 251 0.55 8.07 38.31
N ARG B 252 -0.41 8.19 39.22
CA ARG B 252 -0.23 7.62 40.53
C ARG B 252 -0.94 6.30 40.76
N GLY B 253 -1.61 5.79 39.73
CA GLY B 253 -2.20 4.46 39.78
C GLY B 253 -3.52 4.47 40.51
N TYR B 254 -4.09 5.66 40.65
CA TYR B 254 -5.31 5.86 41.42
C TYR B 254 -6.52 5.71 40.54
N LEU B 255 -6.29 5.82 39.25
CA LEU B 255 -7.33 5.81 38.25
C LEU B 255 -6.86 5.02 37.03
N SER B 256 -7.72 4.15 36.52
CA SER B 256 -7.42 3.42 35.29
C SER B 256 -8.71 3.22 34.57
N PRO B 257 -8.64 2.80 33.30
CA PRO B 257 -9.88 2.76 32.53
C PRO B 257 -10.87 1.79 33.17
N ASP B 258 -12.16 2.12 33.09
CA ASP B 258 -13.20 1.29 33.68
C ASP B 258 -13.54 0.13 32.77
N LEU B 259 -12.97 -1.03 33.05
CA LEU B 259 -13.10 -2.13 32.11
C LEU B 259 -14.48 -2.76 32.13
N SER B 260 -15.26 -2.44 33.16
CA SER B 260 -16.57 -3.02 33.28
C SER B 260 -17.51 -2.38 32.27
N LYS B 261 -17.04 -1.38 31.51
CA LYS B 261 -17.85 -0.77 30.42
C LYS B 261 -17.81 -1.51 29.07
N VAL B 262 -17.04 -2.59 29.03
CA VAL B 262 -16.71 -3.30 27.80
C VAL B 262 -17.90 -4.14 27.31
N ARG B 263 -18.33 -3.92 26.05
CA ARG B 263 -19.52 -4.59 25.45
C ARG B 263 -19.62 -6.09 25.77
N SER B 264 -20.79 -6.55 26.19
CA SER B 264 -21.01 -7.98 26.59
C SER B 264 -20.57 -9.02 25.53
N ASN B 265 -20.66 -8.65 24.24
CA ASN B 265 -20.21 -9.49 23.12
C ASN B 265 -18.72 -9.35 22.78
N CYS B 266 -17.99 -8.60 23.60
CA CYS B 266 -16.56 -8.64 23.54
C CYS B 266 -16.10 -10.01 23.96
N PRO B 267 -15.31 -10.69 23.14
CA PRO B 267 -14.73 -11.95 23.62
C PRO B 267 -13.98 -11.80 24.95
N LYS B 268 -14.18 -12.73 25.88
CA LYS B 268 -13.38 -12.80 27.10
C LYS B 268 -11.87 -12.68 26.82
N ALA B 269 -11.34 -13.41 25.84
CA ALA B 269 -9.90 -13.36 25.55
C ALA B 269 -9.45 -11.96 25.11
N MET B 270 -10.37 -11.21 24.52
CA MET B 270 -10.09 -9.86 24.08
C MET B 270 -10.11 -8.90 25.26
N LYS B 271 -11.05 -9.11 26.17
CA LYS B 271 -11.01 -8.34 27.42
C LYS B 271 -9.76 -8.66 28.25
N ARG B 272 -9.36 -9.92 28.34
CA ARG B 272 -8.13 -10.25 29.09
C ARG B 272 -6.91 -9.57 28.45
N LEU B 273 -6.78 -9.66 27.13
CA LEU B 273 -5.67 -9.00 26.45
C LEU B 273 -5.61 -7.49 26.76
N MET B 274 -6.78 -6.87 26.75
CA MET B 274 -6.88 -5.44 27.02
C MET B 274 -6.37 -5.11 28.42
N ALA B 275 -6.84 -5.83 29.42
CA ALA B 275 -6.43 -5.58 30.79
C ALA B 275 -4.94 -5.72 30.90
N GLU B 276 -4.37 -6.72 30.23
CA GLU B 276 -2.92 -6.96 30.26
C GLU B 276 -2.09 -5.83 29.69
N CYS B 277 -2.59 -5.21 28.64
CA CYS B 277 -1.90 -4.09 28.01
C CYS B 277 -1.91 -2.84 28.88
N LEU B 278 -2.98 -2.66 29.66
CA LEU B 278 -3.15 -1.50 30.55
C LEU B 278 -2.42 -1.60 31.89
N LYS B 279 -1.62 -2.66 32.01
CA LYS B 279 -0.95 -3.04 33.23
C LYS B 279 -0.09 -1.88 33.71
N LYS B 280 -0.10 -1.65 35.02
CA LYS B 280 0.57 -0.50 35.57
C LYS B 280 2.06 -0.74 35.65
N LYS B 281 2.47 -1.99 35.92
CA LYS B 281 3.90 -2.33 35.86
C LYS B 281 4.29 -2.51 34.40
N ARG B 282 5.10 -1.60 33.87
CA ARG B 282 5.34 -1.62 32.43
C ARG B 282 5.79 -2.96 31.86
N ASP B 283 6.74 -3.64 32.47
CA ASP B 283 7.12 -4.89 31.82
C ASP B 283 6.30 -6.12 32.14
N GLU B 284 5.10 -5.92 32.66
CA GLU B 284 4.11 -6.98 32.70
C GLU B 284 3.28 -6.91 31.45
N ARG B 285 3.34 -5.77 30.76
CA ARG B 285 2.60 -5.60 29.51
C ARG B 285 3.15 -6.54 28.44
N PRO B 286 2.26 -7.28 27.77
CA PRO B 286 2.67 -8.14 26.68
C PRO B 286 3.29 -7.32 25.55
N LEU B 287 4.26 -7.89 24.84
CA LEU B 287 4.82 -7.21 23.69
C LEU B 287 4.04 -7.58 22.41
N PHE B 288 4.31 -6.90 21.31
CA PHE B 288 3.43 -7.08 20.15
C PHE B 288 3.40 -8.49 19.53
N PRO B 289 4.55 -9.21 19.52
CA PRO B 289 4.39 -10.52 18.90
C PRO B 289 3.32 -11.30 19.67
N GLN B 290 3.34 -11.16 21.00
CA GLN B 290 2.37 -11.86 21.87
C GLN B 290 0.94 -11.30 21.62
N ILE B 291 0.82 -9.96 21.59
CA ILE B 291 -0.47 -9.30 21.31
C ILE B 291 -1.09 -9.76 19.98
N LEU B 292 -0.31 -9.74 18.90
CA LEU B 292 -0.75 -10.21 17.59
C LEU B 292 -1.16 -11.69 17.56
N ALA B 293 -0.36 -12.58 18.11
CA ALA B 293 -0.78 -13.99 18.23
C ALA B 293 -2.12 -14.13 18.96
N SER B 294 -2.23 -13.57 20.17
CA SER B 294 -3.52 -13.45 20.86
C SER B 294 -4.68 -13.02 19.99
N ILE B 295 -4.54 -11.89 19.30
CA ILE B 295 -5.64 -11.42 18.45
C ILE B 295 -5.86 -12.39 17.30
N GLU B 296 -4.80 -12.89 16.70
CA GLU B 296 -4.93 -13.88 15.64
C GLU B 296 -5.67 -15.10 16.18
N LEU B 297 -5.24 -15.65 17.31
CA LEU B 297 -5.96 -16.77 17.85
C LEU B 297 -7.48 -16.49 17.98
N LEU B 298 -7.86 -15.35 18.55
CA LEU B 298 -9.26 -15.15 18.88
C LEU B 298 -10.16 -14.88 17.66
N ALA B 299 -9.57 -14.82 16.47
CA ALA B 299 -10.31 -14.71 15.22
C ALA B 299 -11.08 -15.99 14.92
N ARG B 300 -10.51 -17.14 15.30
CA ARG B 300 -11.20 -18.43 15.27
C ARG B 300 -12.28 -18.48 16.37
N SER B 301 -13.49 -18.03 16.03
CA SER B 301 -14.61 -17.87 17.00
C SER B 301 -15.87 -18.67 16.62
O29 4Z5 C . 6.20 -8.29 -8.67
C23 4Z5 C . 7.35 -8.66 -8.94
N24 4Z5 C . 8.12 -8.12 -9.91
C25 4Z5 C . 7.77 -7.01 -10.79
C26 4Z5 C . 8.03 -5.66 -10.10
C27 4Z5 C . 7.94 -4.38 -10.93
C31 4Z5 C . 8.42 -3.30 -9.99
C30 4Z5 C . 6.50 -4.04 -11.27
C28 4Z5 C . 8.78 -4.43 -12.21
N22 4Z5 C . 7.92 -9.69 -8.29
C16 4Z5 C . 7.40 -10.38 -7.25
C15 4Z5 C . 6.06 -10.73 -7.15
C17 4Z5 C . 8.28 -10.78 -6.28
F20 4Z5 C . 9.57 -10.47 -6.42
C18 4Z5 C . 7.86 -11.50 -5.16
C19 4Z5 C . 6.52 -11.83 -5.02
C21 4Z5 C . 6.12 -12.61 -3.78
C12 4Z5 C . 5.61 -11.44 -6.03
C8 4Z5 C . 4.19 -11.84 -5.84
C7 4Z5 C . 3.39 -11.20 -4.92
C6 4Z5 C . 2.06 -11.62 -4.78
C1 4Z5 C . 1.21 -11.03 -3.86
C9 4Z5 C . 3.68 -12.91 -6.61
C11 4Z5 C . 4.54 -13.63 -7.64
N10 4Z5 C . 2.39 -13.30 -6.45
C5 4Z5 C . 1.59 -12.68 -5.54
N4 4Z5 C . 0.32 -13.10 -5.38
C3 4Z5 C . -0.50 -12.51 -4.48
N2 4Z5 C . -0.05 -11.48 -3.72
N13 4Z5 C . -1.77 -12.95 -4.34
C14 4Z5 C . -2.25 -14.07 -5.14
O29 4Z5 D . 3.05 9.67 9.72
C23 4Z5 D . 4.10 10.31 9.92
N24 4Z5 D . 5.06 9.90 10.77
C25 4Z5 D . 4.95 8.79 11.71
C26 4Z5 D . 5.27 7.47 11.02
C27 4Z5 D . 5.56 6.28 11.93
C31 4Z5 D . 6.23 5.24 11.05
C30 4Z5 D . 4.26 5.70 12.47
C28 4Z5 D . 6.49 6.64 13.11
N22 4Z5 D . 4.37 11.48 9.31
C16 4Z5 D . 3.72 11.97 8.22
C15 4Z5 D . 2.34 11.90 8.02
C17 4Z5 D . 4.52 12.62 7.28
F20 4Z5 D . 5.83 12.71 7.52
C18 4Z5 D . 4.00 13.19 6.13
C19 4Z5 D . 2.64 13.11 5.90
C21 4Z5 D . 2.09 13.72 4.63
C12 4Z5 D . 1.80 12.45 6.83
C8 4Z5 D . 0.33 12.45 6.52
C7 4Z5 D . -0.23 11.62 5.56
C6 4Z5 D . -1.59 11.68 5.30
C1 4Z5 D . -2.19 10.84 4.35
C9 4Z5 D . -0.49 13.35 7.17
C11 4Z5 D . 0.09 14.29 8.21
N10 4Z5 D . -1.82 13.40 6.91
C5 4Z5 D . -2.38 12.60 5.99
N4 4Z5 D . -3.68 12.67 5.72
C3 4Z5 D . -4.25 11.85 4.78
N2 4Z5 D . -3.50 10.93 4.10
N13 4Z5 D . -5.57 11.92 4.52
C14 4Z5 D . -6.48 12.75 5.32
CL CL E . 16.66 1.75 0.36
#